data_6T4N
#
_entry.id   6T4N
#
_cell.length_a   42.115
_cell.length_b   41.106
_cell.length_c   71.861
_cell.angle_alpha   90.000
_cell.angle_beta   104.140
_cell.angle_gamma   90.000
#
_symmetry.space_group_name_H-M   'P 1 21 1'
#
loop_
_entity.id
_entity.type
_entity.pdbx_description
1 polymer 'carbonic anhydrase 2'
2 non-polymer 'ZINC ION'
3 non-polymer 2,4,6-trimethylbenzenesulfonamide
4 non-polymer BICINE
5 non-polymer 2-piperazin-1-ylethanol
6 non-polymer 'DIMETHYL SULFOXIDE'
7 water water
#
_entity_poly.entity_id   1
_entity_poly.type   'polypeptide(L)'
_entity_poly.pdbx_seq_one_letter_code
;MSHHWGYGKHNGPEHWHKDFPIAKGERQSPVDIDTHTAKYDPSLKPLSVSYDQATSLRILNNGHAFNVEFDDSQDKAVLK
GGPLDGTYRLIQFHFHWGSLDGQGSEHTVDKKKYAAELHLVHWNTKYGDFGKAVQQPDGLAVLGIFLKVGSAKPGLQKVV
DVLDSIKTKGKSADFTNFDPRGLLPESLDYWTYPGSLTTPPLLECVTWIVLKEPISVSSEQVLKFRKLNFNGEGEPEELM
VDNWRPAQPLKNRQIKASFK
;
_entity_poly.pdbx_strand_id   A
#
# COMPACT_ATOMS: atom_id res chain seq x y z
N HIS A 3 11.59 -22.29 4.59
CA HIS A 3 12.40 -21.16 4.00
C HIS A 3 11.51 -20.30 3.09
N HIS A 4 10.50 -19.68 3.74
CA HIS A 4 9.44 -18.91 3.09
C HIS A 4 9.96 -17.52 2.77
N TRP A 5 9.27 -16.81 1.86
CA TRP A 5 9.70 -15.46 1.53
C TRP A 5 9.54 -14.49 2.70
N GLY A 6 10.37 -13.43 2.64
CA GLY A 6 10.24 -12.37 3.63
C GLY A 6 11.06 -11.17 3.15
N TYR A 7 11.63 -10.47 4.12
CA TYR A 7 12.37 -9.29 3.73
C TYR A 7 13.83 -9.40 4.14
N GLY A 8 14.07 -10.43 5.00
CA GLY A 8 15.24 -10.60 5.85
C GLY A 8 16.50 -10.81 5.02
N LYS A 9 17.57 -11.30 5.68
CA LYS A 9 18.87 -11.42 5.03
C LYS A 9 18.94 -12.39 3.83
N HIS A 10 18.14 -13.48 3.82
N HIS A 10 18.04 -13.40 3.82
CA HIS A 10 18.28 -14.55 2.84
CA HIS A 10 18.20 -14.63 3.05
C HIS A 10 16.99 -14.94 2.10
C HIS A 10 16.99 -14.97 2.18
N ASN A 11 15.88 -14.23 2.36
CA ASN A 11 14.63 -14.60 1.71
C ASN A 11 13.91 -13.35 1.20
N GLY A 12 14.65 -12.27 1.01
CA GLY A 12 14.04 -10.98 0.67
C GLY A 12 13.85 -10.84 -0.83
N PRO A 13 13.47 -9.60 -1.29
CA PRO A 13 13.06 -9.36 -2.67
C PRO A 13 13.92 -9.93 -3.78
N GLU A 14 15.25 -9.93 -3.59
CA GLU A 14 16.10 -10.45 -4.66
C GLU A 14 16.04 -11.99 -4.78
N HIS A 15 15.39 -12.67 -3.84
CA HIS A 15 15.16 -14.11 -3.91
C HIS A 15 13.80 -14.54 -4.45
N TRP A 16 12.83 -13.61 -4.49
CA TRP A 16 11.45 -13.99 -4.70
C TRP A 16 11.20 -14.66 -6.05
N HIS A 17 12.01 -14.34 -7.06
CA HIS A 17 11.83 -14.86 -8.40
C HIS A 17 11.92 -16.39 -8.47
N LYS A 18 12.62 -16.97 -7.49
CA LYS A 18 12.84 -18.42 -7.55
C LYS A 18 11.49 -19.11 -7.27
N ASP A 19 10.72 -18.62 -6.30
CA ASP A 19 9.40 -19.20 -6.07
C ASP A 19 8.32 -18.57 -6.96
N PHE A 20 8.54 -17.34 -7.43
CA PHE A 20 7.49 -16.57 -8.09
C PHE A 20 8.11 -15.91 -9.31
N PRO A 21 8.30 -16.69 -10.40
CA PRO A 21 9.02 -16.19 -11.56
C PRO A 21 8.50 -14.89 -12.18
N ILE A 22 7.20 -14.60 -11.92
CA ILE A 22 6.61 -13.35 -12.38
C ILE A 22 7.31 -12.14 -11.73
N ALA A 23 8.16 -12.36 -10.70
CA ALA A 23 8.96 -11.27 -10.14
C ALA A 23 9.76 -10.50 -11.20
N LYS A 24 10.08 -11.17 -12.33
CA LYS A 24 10.88 -10.57 -13.40
C LYS A 24 9.99 -10.31 -14.60
N GLY A 25 8.70 -10.05 -14.32
CA GLY A 25 7.70 -9.83 -15.36
C GLY A 25 7.72 -8.43 -15.96
N GLU A 26 6.72 -8.21 -16.82
CA GLU A 26 6.64 -7.00 -17.60
C GLU A 26 5.88 -5.86 -16.94
N ARG A 27 5.22 -6.11 -15.79
CA ARG A 27 4.48 -5.01 -15.16
C ARG A 27 4.58 -5.17 -13.64
N GLN A 28 5.82 -5.19 -13.13
CA GLN A 28 6.04 -5.36 -11.71
C GLN A 28 6.03 -4.00 -11.00
N SER A 29 5.69 -4.07 -9.70
CA SER A 29 5.65 -2.88 -8.85
C SER A 29 6.50 -3.13 -7.61
N PRO A 30 6.96 -2.09 -6.92
CA PRO A 30 6.72 -0.68 -7.27
C PRO A 30 7.66 -0.21 -8.35
N VAL A 31 7.65 1.07 -8.65
CA VAL A 31 8.51 1.70 -9.64
C VAL A 31 8.91 3.05 -9.10
N ASP A 32 9.98 3.62 -9.68
CA ASP A 32 10.31 5.01 -9.50
C ASP A 32 9.41 5.84 -10.41
N ILE A 33 8.84 6.89 -9.83
CA ILE A 33 8.01 7.80 -10.60
C ILE A 33 8.90 8.99 -10.97
N ASP A 34 9.27 9.03 -12.25
N ASP A 34 9.25 9.04 -12.24
CA ASP A 34 10.02 10.14 -12.83
CA ASP A 34 10.07 10.13 -12.72
C ASP A 34 9.02 11.24 -13.14
C ASP A 34 9.11 11.24 -13.14
N THR A 35 9.00 12.27 -12.31
CA THR A 35 7.91 13.23 -12.40
C THR A 35 7.97 14.05 -13.69
N HIS A 36 9.18 14.20 -14.22
CA HIS A 36 9.38 14.97 -15.44
C HIS A 36 8.88 14.19 -16.66
N THR A 37 8.99 12.83 -16.66
CA THR A 37 8.55 12.02 -17.80
C THR A 37 7.11 11.51 -17.69
N ALA A 38 6.49 11.64 -16.52
CA ALA A 38 5.07 11.33 -16.34
C ALA A 38 4.28 12.25 -17.29
N LYS A 39 3.32 11.66 -18.00
CA LYS A 39 2.55 12.41 -18.97
C LYS A 39 1.27 12.93 -18.28
N TYR A 40 1.06 14.25 -18.27
CA TYR A 40 -0.25 14.79 -17.93
C TYR A 40 -1.34 14.28 -18.87
N ASP A 41 -2.41 13.70 -18.30
CA ASP A 41 -3.48 13.17 -19.13
C ASP A 41 -4.78 13.92 -18.80
N PRO A 42 -5.21 14.90 -19.63
CA PRO A 42 -6.38 15.71 -19.32
C PRO A 42 -7.66 14.87 -19.32
N SER A 43 -7.59 13.66 -19.91
CA SER A 43 -8.74 12.77 -19.94
C SER A 43 -8.94 12.01 -18.62
N LEU A 44 -7.95 12.05 -17.71
CA LEU A 44 -8.13 11.37 -16.43
C LEU A 44 -9.18 12.13 -15.62
N LYS A 45 -9.98 11.39 -14.87
CA LYS A 45 -11.00 12.02 -14.04
C LYS A 45 -10.50 12.17 -12.61
N PRO A 46 -11.16 13.04 -11.81
CA PRO A 46 -10.89 13.10 -10.36
C PRO A 46 -11.16 11.70 -9.82
N LEU A 47 -10.34 11.34 -8.84
CA LEU A 47 -10.54 10.12 -8.11
C LEU A 47 -11.74 10.31 -7.19
N SER A 48 -12.59 9.29 -7.13
CA SER A 48 -13.74 9.25 -6.23
C SER A 48 -13.44 8.23 -5.14
N VAL A 49 -13.32 8.72 -3.93
CA VAL A 49 -13.07 7.90 -2.76
C VAL A 49 -14.30 8.01 -1.86
N SER A 50 -15.09 6.95 -1.75
CA SER A 50 -16.31 7.01 -0.97
C SER A 50 -16.19 6.08 0.21
N TYR A 51 -15.69 6.60 1.32
CA TYR A 51 -15.41 5.81 2.51
C TYR A 51 -16.40 6.07 3.67
N ASP A 52 -17.48 6.82 3.42
N ASP A 52 -17.48 6.83 3.44
CA ASP A 52 -18.43 7.19 4.47
CA ASP A 52 -18.42 7.17 4.49
C ASP A 52 -18.99 5.98 5.23
C ASP A 52 -18.93 5.95 5.25
N GLN A 53 -19.22 4.86 4.55
CA GLN A 53 -19.85 3.70 5.19
C GLN A 53 -18.86 2.55 5.46
N ALA A 54 -17.56 2.86 5.52
CA ALA A 54 -16.57 1.82 5.67
C ALA A 54 -16.76 1.12 7.03
N THR A 55 -16.64 -0.20 7.03
CA THR A 55 -16.76 -1.03 8.23
C THR A 55 -15.49 -1.81 8.45
N SER A 56 -14.61 -1.28 9.31
CA SER A 56 -13.43 -2.04 9.64
C SER A 56 -13.81 -3.19 10.56
N LEU A 57 -13.06 -4.27 10.54
CA LEU A 57 -13.45 -5.40 11.37
C LEU A 57 -12.34 -5.78 12.35
N ARG A 58 -11.10 -5.84 11.86
CA ARG A 58 -10.05 -6.50 12.59
C ARG A 58 -8.73 -5.93 12.10
N ILE A 59 -7.69 -6.13 12.90
CA ILE A 59 -6.32 -5.82 12.53
C ILE A 59 -5.51 -7.08 12.76
N LEU A 60 -4.59 -7.39 11.85
CA LEU A 60 -3.85 -8.63 11.83
C LEU A 60 -2.37 -8.42 11.54
N ASN A 61 -1.47 -8.98 12.34
CA ASN A 61 -0.06 -9.09 12.03
C ASN A 61 0.12 -10.36 11.23
N ASN A 62 0.45 -10.27 9.94
CA ASN A 62 0.49 -11.42 9.04
C ASN A 62 1.94 -11.88 8.88
N GLY A 63 2.85 -11.35 9.72
CA GLY A 63 4.23 -11.73 9.64
C GLY A 63 5.08 -10.94 8.63
N HIS A 64 4.42 -10.05 7.88
CA HIS A 64 5.08 -9.20 6.86
C HIS A 64 4.78 -7.74 7.16
N ALA A 65 3.56 -7.44 7.57
CA ALA A 65 3.03 -6.12 7.84
C ALA A 65 1.85 -6.30 8.80
N PHE A 66 1.05 -5.28 9.03
CA PHE A 66 -0.27 -5.47 9.61
C PHE A 66 -1.33 -5.04 8.62
N ASN A 67 -2.44 -5.80 8.59
CA ASN A 67 -3.58 -5.46 7.76
C ASN A 67 -4.76 -4.96 8.57
N VAL A 68 -5.31 -3.82 8.26
CA VAL A 68 -6.61 -3.41 8.77
C VAL A 68 -7.69 -3.83 7.77
N GLU A 69 -8.62 -4.68 8.21
CA GLU A 69 -9.46 -5.42 7.29
C GLU A 69 -10.86 -4.84 7.37
N PHE A 70 -11.55 -4.89 6.24
CA PHE A 70 -12.87 -4.26 6.10
C PHE A 70 -13.88 -5.32 5.70
N ASP A 71 -15.12 -5.15 6.17
CA ASP A 71 -16.19 -5.97 5.63
C ASP A 71 -16.51 -5.48 4.22
N ASP A 72 -16.18 -6.30 3.21
CA ASP A 72 -16.37 -6.00 1.81
C ASP A 72 -17.51 -6.83 1.19
N SER A 73 -18.52 -7.16 2.02
CA SER A 73 -19.59 -8.04 1.50
C SER A 73 -20.73 -7.17 1.00
N GLN A 74 -20.59 -5.86 1.08
CA GLN A 74 -21.58 -5.00 0.47
C GLN A 74 -20.87 -3.79 -0.10
N ASP A 75 -21.55 -3.06 -1.00
N ASP A 75 -21.55 -3.06 -1.00
CA ASP A 75 -20.99 -1.85 -1.64
CA ASP A 75 -20.99 -1.85 -1.64
C ASP A 75 -20.97 -0.71 -0.62
C ASP A 75 -20.97 -0.71 -0.62
N LYS A 76 -19.87 -0.62 0.13
CA LYS A 76 -19.69 0.40 1.16
C LYS A 76 -18.59 1.35 0.71
N ALA A 77 -17.37 1.02 1.10
CA ALA A 77 -16.16 1.81 0.90
C ALA A 77 -15.63 1.52 -0.49
N VAL A 78 -15.85 2.44 -1.43
CA VAL A 78 -15.49 2.19 -2.83
C VAL A 78 -14.62 3.29 -3.42
N LEU A 79 -13.75 2.86 -4.34
CA LEU A 79 -12.93 3.71 -5.17
C LEU A 79 -13.43 3.57 -6.58
N LYS A 80 -13.61 4.70 -7.25
CA LYS A 80 -13.97 4.72 -8.65
C LYS A 80 -13.43 5.99 -9.30
N GLY A 81 -13.73 6.20 -10.58
CA GLY A 81 -13.28 7.39 -11.27
C GLY A 81 -11.77 7.32 -11.42
N GLY A 82 -11.10 8.47 -11.43
CA GLY A 82 -9.68 8.39 -11.70
C GLY A 82 -9.43 7.74 -13.06
N PRO A 83 -8.46 6.79 -13.16
CA PRO A 83 -8.25 6.02 -14.38
C PRO A 83 -9.11 4.77 -14.49
N LEU A 84 -10.01 4.54 -13.52
CA LEU A 84 -10.72 3.28 -13.40
C LEU A 84 -12.00 3.29 -14.23
N ASP A 85 -12.32 2.10 -14.71
CA ASP A 85 -13.64 1.75 -15.24
C ASP A 85 -14.31 1.00 -14.11
N GLY A 86 -15.57 1.28 -13.82
CA GLY A 86 -16.20 0.45 -12.81
C GLY A 86 -15.77 0.79 -11.37
N THR A 87 -16.12 -0.11 -10.45
N THR A 87 -16.15 -0.08 -10.44
CA THR A 87 -16.20 0.17 -9.03
CA THR A 87 -16.09 0.27 -9.04
C THR A 87 -15.31 -0.84 -8.30
C THR A 87 -15.29 -0.80 -8.32
N TYR A 88 -14.48 -0.34 -7.38
CA TYR A 88 -13.58 -1.22 -6.66
C TYR A 88 -13.83 -1.07 -5.17
N ARG A 89 -13.91 -2.18 -4.47
CA ARG A 89 -14.32 -2.16 -3.07
C ARG A 89 -13.12 -2.35 -2.16
N LEU A 90 -13.05 -1.53 -1.09
CA LEU A 90 -11.95 -1.64 -0.13
C LEU A 90 -12.04 -2.96 0.65
N ILE A 91 -10.91 -3.68 0.65
CA ILE A 91 -10.83 -4.91 1.42
C ILE A 91 -9.87 -4.76 2.61
N GLN A 92 -8.74 -4.04 2.47
CA GLN A 92 -7.81 -3.93 3.58
C GLN A 92 -6.86 -2.78 3.28
N PHE A 93 -6.26 -2.20 4.31
CA PHE A 93 -5.05 -1.41 4.10
C PHE A 93 -3.91 -1.93 4.94
N HIS A 94 -2.69 -1.54 4.55
CA HIS A 94 -1.47 -1.87 5.27
C HIS A 94 -0.41 -0.86 4.88
N PHE A 95 0.76 -0.97 5.50
CA PHE A 95 1.84 -0.04 5.27
C PHE A 95 3.12 -0.85 5.01
N HIS A 96 4.08 -0.14 4.43
CA HIS A 96 5.47 -0.55 4.32
C HIS A 96 6.29 0.56 4.94
N TRP A 97 7.33 0.20 5.70
CA TRP A 97 8.12 1.22 6.37
C TRP A 97 9.56 0.75 6.57
N GLY A 98 10.39 1.69 7.01
CA GLY A 98 11.81 1.45 7.10
C GLY A 98 12.30 1.25 8.53
N SER A 99 13.61 0.98 8.59
CA SER A 99 14.31 0.94 9.88
C SER A 99 14.75 2.34 10.32
N LEU A 100 14.73 3.30 9.39
CA LEU A 100 15.19 4.67 9.57
C LEU A 100 14.20 5.53 8.78
N ASP A 101 14.11 6.83 9.11
CA ASP A 101 13.15 7.69 8.44
C ASP A 101 13.51 7.89 6.96
N GLY A 102 14.79 7.67 6.58
CA GLY A 102 15.20 7.87 5.18
C GLY A 102 14.83 6.79 4.16
N GLN A 103 14.12 5.76 4.59
N GLN A 103 14.08 5.78 4.59
CA GLN A 103 13.70 4.73 3.64
CA GLN A 103 13.69 4.74 3.65
C GLN A 103 12.39 4.15 4.17
C GLN A 103 12.43 4.08 4.21
N GLY A 104 11.71 3.33 3.34
CA GLY A 104 10.51 2.64 3.81
C GLY A 104 9.47 2.60 2.70
N SER A 105 9.38 3.62 1.84
CA SER A 105 8.38 3.58 0.78
C SER A 105 8.81 2.59 -0.30
N GLU A 106 7.81 2.13 -1.01
CA GLU A 106 8.02 1.19 -2.13
C GLU A 106 8.15 2.00 -3.43
N HIS A 107 7.15 2.83 -3.75
CA HIS A 107 7.35 3.75 -4.86
C HIS A 107 8.30 4.83 -4.35
N THR A 108 9.01 5.38 -5.34
CA THR A 108 9.90 6.51 -5.11
C THR A 108 9.50 7.63 -6.07
N VAL A 109 9.86 8.87 -5.74
CA VAL A 109 9.50 10.01 -6.61
C VAL A 109 10.81 10.72 -6.97
N ASP A 110 11.20 10.64 -8.24
CA ASP A 110 12.52 11.13 -8.66
C ASP A 110 13.60 10.60 -7.71
N LYS A 111 13.50 9.29 -7.39
CA LYS A 111 14.43 8.50 -6.55
C LYS A 111 14.31 8.81 -5.05
N LYS A 112 13.44 9.74 -4.66
CA LYS A 112 13.20 10.04 -3.25
C LYS A 112 12.40 8.89 -2.62
N LYS A 113 12.95 8.40 -1.50
N LYS A 113 12.92 8.42 -1.48
CA LYS A 113 12.29 7.47 -0.60
CA LYS A 113 12.28 7.44 -0.62
C LYS A 113 11.59 8.23 0.52
C LYS A 113 11.62 8.12 0.59
N TYR A 114 10.32 7.88 0.76
CA TYR A 114 9.63 8.35 1.93
C TYR A 114 9.80 7.40 3.13
N ALA A 115 9.43 7.82 4.32
CA ALA A 115 9.57 6.98 5.52
C ALA A 115 8.69 5.74 5.45
N ALA A 116 7.54 5.89 4.81
CA ALA A 116 6.63 4.76 4.76
C ALA A 116 5.64 5.00 3.64
N GLU A 117 4.81 3.97 3.34
CA GLU A 117 3.80 4.07 2.30
C GLU A 117 2.60 3.24 2.73
N LEU A 118 1.43 3.88 2.63
CA LEU A 118 0.14 3.25 2.92
C LEU A 118 -0.48 2.77 1.62
N HIS A 119 -1.00 1.53 1.63
CA HIS A 119 -1.69 0.93 0.51
C HIS A 119 -3.10 0.58 0.91
N LEU A 120 -4.08 1.20 0.25
CA LEU A 120 -5.48 0.84 0.43
C LEU A 120 -5.91 0.01 -0.74
N VAL A 121 -6.16 -1.27 -0.45
CA VAL A 121 -6.35 -2.28 -1.48
C VAL A 121 -7.83 -2.46 -1.79
N HIS A 122 -8.18 -2.39 -3.09
CA HIS A 122 -9.56 -2.51 -3.53
C HIS A 122 -9.66 -3.53 -4.67
N TRP A 123 -10.77 -4.25 -4.72
CA TRP A 123 -11.00 -5.21 -5.81
C TRP A 123 -12.20 -4.82 -6.67
N ASN A 124 -12.07 -5.15 -7.95
CA ASN A 124 -13.06 -4.81 -8.98
C ASN A 124 -14.33 -5.65 -8.76
N THR A 125 -15.47 -4.96 -8.51
CA THR A 125 -16.71 -5.68 -8.18
C THR A 125 -17.16 -6.54 -9.37
N LYS A 126 -16.69 -6.25 -10.64
CA LYS A 126 -17.14 -7.13 -11.74
C LYS A 126 -16.62 -8.57 -11.59
N TYR A 127 -15.68 -8.84 -10.65
CA TYR A 127 -15.14 -10.19 -10.50
C TYR A 127 -15.62 -10.87 -9.23
N GLY A 128 -16.50 -10.19 -8.49
CA GLY A 128 -17.26 -10.91 -7.45
C GLY A 128 -16.57 -11.05 -6.09
N ASP A 129 -15.26 -11.28 -6.05
N ASP A 129 -15.25 -11.35 -6.12
CA ASP A 129 -14.57 -11.14 -4.78
CA ASP A 129 -14.44 -11.60 -4.92
C ASP A 129 -13.11 -10.91 -5.13
C ASP A 129 -12.96 -11.29 -5.16
N PHE A 130 -12.28 -10.89 -4.08
CA PHE A 130 -10.87 -10.58 -4.16
C PHE A 130 -10.11 -11.74 -4.81
N GLY A 131 -10.38 -13.01 -4.42
CA GLY A 131 -9.59 -14.10 -4.94
C GLY A 131 -9.69 -14.26 -6.46
N LYS A 132 -10.90 -14.00 -7.00
CA LYS A 132 -11.04 -14.04 -8.45
C LYS A 132 -10.46 -12.79 -9.12
N ALA A 133 -10.61 -11.63 -8.46
CA ALA A 133 -10.08 -10.41 -9.03
C ALA A 133 -8.57 -10.46 -9.24
N VAL A 134 -7.80 -11.04 -8.32
CA VAL A 134 -6.34 -11.02 -8.49
C VAL A 134 -5.86 -11.83 -9.70
N GLN A 135 -6.79 -12.60 -10.31
CA GLN A 135 -6.44 -13.39 -11.49
C GLN A 135 -6.66 -12.62 -12.78
N GLN A 136 -7.04 -11.34 -12.64
CA GLN A 136 -7.41 -10.53 -13.79
C GLN A 136 -6.52 -9.30 -13.90
N PRO A 137 -6.25 -8.80 -15.13
CA PRO A 137 -5.31 -7.70 -15.30
C PRO A 137 -5.86 -6.36 -14.80
N ASP A 138 -7.17 -6.24 -14.63
CA ASP A 138 -7.77 -5.05 -14.04
C ASP A 138 -8.53 -5.45 -12.76
N GLY A 139 -8.00 -6.43 -12.00
CA GLY A 139 -8.68 -6.91 -10.82
C GLY A 139 -8.62 -5.99 -9.60
N LEU A 140 -7.50 -5.29 -9.41
CA LEU A 140 -7.31 -4.53 -8.19
C LEU A 140 -6.99 -3.09 -8.53
N ALA A 141 -7.35 -2.21 -7.58
CA ALA A 141 -6.88 -0.82 -7.62
C ALA A 141 -6.33 -0.53 -6.24
N VAL A 142 -5.04 -0.11 -6.21
CA VAL A 142 -4.43 0.18 -4.93
C VAL A 142 -4.11 1.66 -4.91
N LEU A 143 -4.61 2.32 -3.84
CA LEU A 143 -4.35 3.73 -3.58
C LEU A 143 -3.15 3.77 -2.67
N GLY A 144 -2.07 4.39 -3.16
CA GLY A 144 -0.82 4.49 -2.42
C GLY A 144 -0.60 5.93 -1.94
N ILE A 145 -0.22 6.04 -0.66
CA ILE A 145 -0.07 7.35 -0.04
C ILE A 145 1.29 7.29 0.66
N PHE A 146 2.10 8.30 0.39
CA PHE A 146 3.38 8.39 1.08
C PHE A 146 3.22 8.97 2.49
N LEU A 147 4.11 8.54 3.39
CA LEU A 147 4.22 9.11 4.75
C LEU A 147 5.62 9.71 4.93
N LYS A 148 5.62 10.96 5.42
CA LYS A 148 6.83 11.63 5.85
C LYS A 148 6.70 11.87 7.37
N VAL A 149 7.84 12.01 8.01
CA VAL A 149 7.88 12.23 9.46
C VAL A 149 7.90 13.74 9.74
N GLY A 150 6.94 14.16 10.55
CA GLY A 150 6.81 15.56 10.94
C GLY A 150 5.74 15.66 12.01
N SER A 151 4.68 16.44 11.75
N SER A 151 4.66 16.38 11.69
CA SER A 151 3.57 16.49 12.70
CA SER A 151 3.48 16.42 12.55
C SER A 151 2.81 15.17 12.68
C SER A 151 2.87 15.03 12.69
N ALA A 152 2.25 14.76 13.83
CA ALA A 152 1.42 13.57 13.97
C ALA A 152 0.21 13.59 13.04
N LYS A 153 -0.22 12.37 12.68
CA LYS A 153 -1.49 12.21 11.98
C LYS A 153 -2.53 11.71 12.98
N PRO A 154 -3.46 12.60 13.45
CA PRO A 154 -4.33 12.19 14.56
C PRO A 154 -5.15 10.97 14.15
N GLY A 155 -5.51 10.89 12.86
CA GLY A 155 -6.38 9.81 12.38
C GLY A 155 -5.68 8.47 12.32
N LEU A 156 -4.36 8.46 12.47
CA LEU A 156 -3.57 7.24 12.57
C LEU A 156 -3.45 6.68 13.98
N GLN A 157 -3.77 7.53 14.99
CA GLN A 157 -3.39 7.10 16.33
C GLN A 157 -4.11 5.86 16.84
N LYS A 158 -5.38 5.68 16.43
CA LYS A 158 -6.12 4.50 16.82
C LYS A 158 -5.41 3.22 16.33
N VAL A 159 -4.77 3.28 15.15
CA VAL A 159 -4.01 2.14 14.64
C VAL A 159 -2.75 1.91 15.49
N VAL A 160 -2.02 3.02 15.72
CA VAL A 160 -0.77 2.94 16.47
C VAL A 160 -1.03 2.33 17.85
N ASP A 161 -2.15 2.74 18.47
CA ASP A 161 -2.34 2.34 19.85
C ASP A 161 -2.68 0.86 20.01
N VAL A 162 -3.20 0.20 18.95
CA VAL A 162 -3.58 -1.21 19.04
C VAL A 162 -2.38 -2.14 18.74
N LEU A 163 -1.26 -1.58 18.23
CA LEU A 163 -0.18 -2.43 17.73
C LEU A 163 0.47 -3.31 18.78
N ASP A 164 0.45 -2.79 20.02
CA ASP A 164 1.08 -3.58 21.05
C ASP A 164 0.27 -4.86 21.31
N SER A 165 -1.01 -4.92 20.90
CA SER A 165 -1.85 -6.10 21.09
C SER A 165 -1.64 -7.11 19.96
N ILE A 166 -0.89 -6.72 18.90
CA ILE A 166 -0.64 -7.62 17.77
C ILE A 166 0.86 -7.66 17.44
N LYS A 167 1.69 -7.71 18.47
CA LYS A 167 3.10 -7.56 18.28
C LYS A 167 3.67 -8.59 17.33
N THR A 168 3.14 -9.82 17.42
CA THR A 168 3.84 -10.94 16.78
C THR A 168 2.94 -11.60 15.71
N LYS A 169 3.60 -12.30 14.80
CA LYS A 169 2.99 -12.92 13.63
C LYS A 169 1.80 -13.80 13.99
N GLY A 170 0.66 -13.54 13.34
CA GLY A 170 -0.55 -14.34 13.55
C GLY A 170 -1.47 -13.83 14.65
N LYS A 171 -1.04 -12.82 15.41
CA LYS A 171 -1.96 -12.10 16.28
C LYS A 171 -2.95 -11.21 15.53
N SER A 172 -4.20 -11.19 15.98
CA SER A 172 -5.21 -10.26 15.57
C SER A 172 -5.95 -9.60 16.74
N ALA A 173 -6.62 -8.51 16.44
CA ALA A 173 -7.45 -7.82 17.44
C ALA A 173 -8.69 -7.22 16.75
N ASP A 174 -9.83 -7.26 17.42
CA ASP A 174 -10.98 -6.54 16.92
C ASP A 174 -10.62 -5.08 16.65
N PHE A 175 -11.09 -4.59 15.50
CA PHE A 175 -10.73 -3.24 15.13
C PHE A 175 -11.89 -2.62 14.38
N THR A 176 -12.95 -2.29 15.11
CA THR A 176 -14.15 -1.73 14.54
C THR A 176 -14.14 -0.22 14.52
N ASN A 177 -14.93 0.35 13.60
CA ASN A 177 -15.28 1.75 13.57
C ASN A 177 -14.05 2.60 13.25
N PHE A 178 -13.03 2.00 12.61
CA PHE A 178 -11.93 2.86 12.17
C PHE A 178 -12.25 3.52 10.84
N ASP A 179 -12.05 4.84 10.76
CA ASP A 179 -12.41 5.60 9.58
C ASP A 179 -11.16 5.86 8.76
N PRO A 180 -11.03 5.24 7.57
CA PRO A 180 -9.82 5.48 6.78
C PRO A 180 -9.75 6.84 6.10
N ARG A 181 -10.83 7.63 6.17
CA ARG A 181 -10.75 9.00 5.65
C ARG A 181 -9.72 9.82 6.44
N GLY A 182 -9.48 9.49 7.71
CA GLY A 182 -8.53 10.28 8.47
C GLY A 182 -7.07 10.04 8.03
N LEU A 183 -6.82 9.09 7.10
CA LEU A 183 -5.45 8.82 6.63
C LEU A 183 -5.20 9.48 5.29
N LEU A 184 -6.12 10.28 4.75
CA LEU A 184 -5.98 10.85 3.41
C LEU A 184 -5.44 12.28 3.43
N PRO A 185 -4.54 12.65 2.49
CA PRO A 185 -4.07 14.03 2.45
C PRO A 185 -5.18 14.90 1.88
N GLU A 186 -4.88 16.19 1.93
N GLU A 186 -5.02 16.24 1.76
CA GLU A 186 -5.77 17.21 1.44
CA GLU A 186 -6.09 17.11 1.24
C GLU A 186 -6.12 16.92 -0.01
C GLU A 186 -6.24 16.95 -0.26
N SER A 187 -5.10 16.78 -0.91
CA SER A 187 -5.22 16.69 -2.36
C SER A 187 -5.31 15.24 -2.84
N LEU A 188 -6.12 15.01 -3.86
CA LEU A 188 -6.25 13.70 -4.52
C LEU A 188 -5.60 13.72 -5.91
N ASP A 189 -4.68 14.65 -6.19
CA ASP A 189 -3.81 14.58 -7.36
C ASP A 189 -2.97 13.29 -7.33
N TYR A 190 -2.85 12.61 -8.50
CA TYR A 190 -2.21 11.29 -8.46
C TYR A 190 -1.43 11.02 -9.75
N TRP A 191 -0.57 10.00 -9.65
CA TRP A 191 0.04 9.32 -10.78
C TRP A 191 -0.60 7.96 -10.89
N THR A 192 -0.63 7.38 -12.08
CA THR A 192 -1.21 6.06 -12.23
C THR A 192 -0.49 5.26 -13.31
N TYR A 193 -0.38 3.95 -13.11
CA TYR A 193 0.30 3.07 -14.04
C TYR A 193 -0.14 1.65 -13.76
N PRO A 194 -0.03 0.72 -14.73
CA PRO A 194 -0.41 -0.69 -14.51
C PRO A 194 0.74 -1.49 -13.87
N GLY A 195 0.43 -2.25 -12.82
CA GLY A 195 1.50 -2.93 -12.08
C GLY A 195 1.01 -4.19 -11.41
N SER A 196 1.63 -4.46 -10.25
CA SER A 196 1.48 -5.77 -9.63
C SER A 196 1.32 -5.64 -8.12
N LEU A 197 0.98 -6.76 -7.48
CA LEU A 197 1.22 -6.85 -6.02
C LEU A 197 2.70 -6.62 -5.81
N THR A 198 3.04 -6.06 -4.66
CA THR A 198 4.45 -5.86 -4.33
C THR A 198 4.99 -6.94 -3.40
N THR A 199 4.17 -7.91 -3.01
CA THR A 199 4.69 -9.10 -2.32
C THR A 199 4.25 -10.33 -3.11
N PRO A 200 4.96 -11.48 -2.96
CA PRO A 200 4.38 -12.71 -3.49
C PRO A 200 2.90 -12.86 -3.15
N PRO A 201 2.05 -13.31 -4.09
CA PRO A 201 2.48 -13.89 -5.37
C PRO A 201 2.78 -12.97 -6.58
N LEU A 202 2.91 -11.64 -6.31
CA LEU A 202 3.40 -10.69 -7.30
C LEU A 202 2.54 -10.65 -8.57
N LEU A 203 1.24 -10.92 -8.40
CA LEU A 203 0.35 -11.00 -9.55
C LEU A 203 0.19 -9.63 -10.21
N GLU A 204 0.11 -9.64 -11.54
CA GLU A 204 0.06 -8.46 -12.39
C GLU A 204 -1.39 -8.03 -12.61
N CYS A 205 -2.02 -7.60 -11.52
CA CYS A 205 -3.46 -7.38 -11.52
C CYS A 205 -3.83 -6.00 -10.99
N VAL A 206 -2.87 -5.08 -10.84
CA VAL A 206 -3.14 -3.83 -10.10
C VAL A 206 -3.08 -2.61 -11.01
N THR A 207 -4.11 -1.75 -10.91
CA THR A 207 -4.00 -0.37 -11.36
C THR A 207 -3.55 0.43 -10.14
N TRP A 208 -2.32 0.93 -10.21
CA TRP A 208 -1.73 1.72 -9.14
C TRP A 208 -2.18 3.17 -9.27
N ILE A 209 -2.58 3.76 -8.15
CA ILE A 209 -2.95 5.18 -8.08
C ILE A 209 -2.17 5.73 -6.91
N VAL A 210 -1.14 6.52 -7.15
CA VAL A 210 -0.21 7.01 -6.13
C VAL A 210 -0.48 8.50 -5.95
N LEU A 211 -0.87 8.91 -4.75
CA LEU A 211 -1.12 10.33 -4.49
C LEU A 211 0.18 11.10 -4.44
N LYS A 212 0.18 12.31 -5.04
CA LYS A 212 1.34 13.17 -4.98
C LYS A 212 1.62 13.73 -3.58
N GLU A 213 0.57 14.06 -2.84
N GLU A 213 0.56 14.04 -2.83
CA GLU A 213 0.80 14.73 -1.58
CA GLU A 213 0.72 14.69 -1.54
C GLU A 213 0.93 13.71 -0.45
C GLU A 213 0.89 13.64 -0.44
N PRO A 214 2.06 13.72 0.28
N PRO A 214 2.05 13.64 0.24
CA PRO A 214 2.23 12.77 1.37
CA PRO A 214 2.25 12.74 1.38
C PRO A 214 1.41 13.22 2.57
C PRO A 214 1.50 13.23 2.61
N ILE A 215 1.20 12.29 3.51
CA ILE A 215 0.68 12.68 4.82
C ILE A 215 1.86 12.73 5.78
N SER A 216 1.76 13.56 6.80
CA SER A 216 2.76 13.61 7.87
C SER A 216 2.32 12.76 9.04
N VAL A 217 3.26 11.97 9.55
CA VAL A 217 3.08 11.25 10.78
C VAL A 217 4.21 11.64 11.73
N SER A 218 4.04 11.41 13.02
CA SER A 218 5.11 11.80 13.92
C SER A 218 6.16 10.71 14.03
N SER A 219 7.33 11.13 14.50
N SER A 219 7.33 11.10 14.52
CA SER A 219 8.41 10.21 14.81
CA SER A 219 8.38 10.13 14.76
C SER A 219 7.90 9.12 15.76
C SER A 219 7.94 9.09 15.79
N GLU A 220 7.12 9.49 16.77
CA GLU A 220 6.61 8.51 17.75
C GLU A 220 5.63 7.51 17.10
N GLN A 221 4.82 7.96 16.13
CA GLN A 221 3.93 7.04 15.44
C GLN A 221 4.72 5.97 14.68
N VAL A 222 5.73 6.41 13.90
N VAL A 222 5.70 6.42 13.87
CA VAL A 222 6.45 5.43 13.10
CA VAL A 222 6.48 5.44 13.12
C VAL A 222 7.38 4.55 13.96
C VAL A 222 7.26 4.52 14.03
N LEU A 223 7.85 5.09 15.10
CA LEU A 223 8.64 4.28 16.00
C LEU A 223 7.80 3.11 16.52
N LYS A 224 6.49 3.34 16.69
CA LYS A 224 5.63 2.27 17.16
C LYS A 224 5.46 1.18 16.10
N PHE A 225 5.39 1.53 14.81
CA PHE A 225 5.41 0.53 13.75
C PHE A 225 6.64 -0.34 13.83
N ARG A 226 7.79 0.27 14.15
CA ARG A 226 9.06 -0.45 14.24
C ARG A 226 9.23 -1.30 15.50
N LYS A 227 8.24 -1.30 16.39
CA LYS A 227 8.27 -2.20 17.53
C LYS A 227 7.57 -3.52 17.24
N LEU A 228 6.81 -3.59 16.12
CA LEU A 228 6.22 -4.86 15.72
C LEU A 228 7.30 -5.87 15.40
N ASN A 229 6.82 -7.10 15.30
CA ASN A 229 7.72 -8.22 15.09
C ASN A 229 7.35 -9.06 13.85
N PHE A 230 8.37 -9.51 13.09
CA PHE A 230 8.12 -10.45 11.99
C PHE A 230 7.90 -11.87 12.53
N ASN A 231 8.56 -12.18 13.66
CA ASN A 231 8.47 -13.50 14.30
C ASN A 231 7.13 -13.69 15.03
N GLY A 232 6.79 -15.00 15.28
CA GLY A 232 5.67 -15.35 16.16
C GLY A 232 6.06 -15.26 17.63
N GLU A 233 5.05 -15.21 18.52
CA GLU A 233 5.26 -15.26 19.96
C GLU A 233 6.12 -16.47 20.33
N GLY A 234 7.09 -16.24 21.22
CA GLY A 234 7.95 -17.31 21.69
C GLY A 234 9.05 -17.66 20.69
N GLU A 235 9.30 -16.73 19.77
CA GLU A 235 10.44 -16.85 18.89
C GLU A 235 11.32 -15.63 19.12
N PRO A 236 12.60 -15.71 18.73
CA PRO A 236 13.54 -14.62 18.99
C PRO A 236 13.09 -13.41 18.17
N GLU A 237 13.33 -12.23 18.72
CA GLU A 237 12.73 -11.04 18.16
C GLU A 237 13.45 -10.66 16.87
N GLU A 238 12.64 -10.46 15.84
CA GLU A 238 13.09 -9.86 14.58
C GLU A 238 12.18 -8.66 14.29
N LEU A 239 12.73 -7.43 14.48
CA LEU A 239 11.83 -6.29 14.37
C LEU A 239 11.28 -6.20 12.93
N MET A 240 10.00 -5.81 12.90
CA MET A 240 9.35 -5.64 11.60
C MET A 240 9.72 -4.25 11.10
N VAL A 241 10.77 -4.26 10.29
CA VAL A 241 11.27 -3.02 9.67
C VAL A 241 11.75 -3.37 8.28
N ASP A 242 11.77 -2.36 7.37
CA ASP A 242 12.26 -2.55 6.01
C ASP A 242 11.45 -3.63 5.26
N ASN A 243 10.14 -3.58 5.43
CA ASN A 243 9.26 -4.52 4.73
C ASN A 243 8.77 -3.88 3.41
N TRP A 244 9.70 -3.38 2.61
CA TRP A 244 9.43 -2.76 1.32
C TRP A 244 10.21 -3.47 0.25
N ARG A 245 9.57 -3.60 -0.92
CA ARG A 245 10.23 -4.07 -2.13
C ARG A 245 10.83 -2.87 -2.86
N PRO A 246 12.09 -2.87 -3.33
CA PRO A 246 12.63 -1.73 -4.08
C PRO A 246 11.97 -1.56 -5.45
N ALA A 247 12.21 -0.40 -6.08
CA ALA A 247 11.70 -0.09 -7.41
C ALA A 247 12.17 -1.12 -8.43
N GLN A 248 11.26 -1.49 -9.32
CA GLN A 248 11.45 -2.52 -10.34
C GLN A 248 11.50 -1.84 -11.70
N PRO A 249 12.02 -2.49 -12.75
CA PRO A 249 12.11 -1.84 -14.06
C PRO A 249 10.74 -1.46 -14.61
N LEU A 250 10.65 -0.26 -15.19
CA LEU A 250 9.40 0.26 -15.74
C LEU A 250 9.01 -0.50 -17.00
N LYS A 251 9.99 -0.86 -17.83
N LYS A 251 10.03 -0.95 -17.74
CA LYS A 251 9.75 -1.64 -19.06
CA LYS A 251 9.83 -1.67 -18.99
C LYS A 251 8.74 -0.97 -20.00
C LYS A 251 8.95 -0.85 -19.93
N ASN A 252 8.90 0.35 -20.15
N ASN A 252 7.95 -1.52 -20.51
CA ASN A 252 8.27 1.16 -21.21
CA ASN A 252 7.15 -0.92 -21.55
C ASN A 252 6.83 1.43 -20.88
C ASN A 252 5.85 -0.39 -20.96
N ARG A 253 6.40 1.02 -19.69
N ARG A 253 5.98 0.62 -20.06
CA ARG A 253 5.11 1.46 -19.22
CA ARG A 253 4.88 1.32 -19.44
C ARG A 253 5.13 2.97 -19.07
C ARG A 253 5.10 2.84 -19.42
N GLN A 254 3.97 3.58 -19.31
CA GLN A 254 3.88 5.02 -19.15
C GLN A 254 3.16 5.30 -17.84
N ILE A 255 3.77 6.16 -17.03
CA ILE A 255 3.09 6.73 -15.87
C ILE A 255 2.38 8.02 -16.27
N LYS A 256 1.09 8.06 -15.94
CA LYS A 256 0.24 9.21 -16.27
C LYS A 256 -0.03 10.01 -15.03
N ALA A 257 -0.07 11.34 -15.14
CA ALA A 257 -0.38 12.29 -14.08
C ALA A 257 -1.76 12.89 -14.26
N SER A 258 -2.47 13.06 -13.15
CA SER A 258 -3.79 13.67 -13.17
C SER A 258 -3.67 15.19 -13.16
N PHE A 259 -2.46 15.73 -13.04
CA PHE A 259 -2.28 17.15 -12.73
C PHE A 259 -1.13 17.70 -13.57
N LYS A 260 -1.18 19.04 -13.69
CA LYS A 260 -0.21 20.06 -14.12
C LYS A 260 0.14 19.99 -15.60
#